data_7PQL
#
_entry.id   7PQL
#
_cell.length_a   121.111
_cell.length_b   48.436
_cell.length_c   83.317
_cell.angle_alpha   90.000
_cell.angle_beta   124.170
_cell.angle_gamma   90.000
#
_symmetry.space_group_name_H-M   'C 1 2 1'
#
loop_
_entity.id
_entity.type
_entity.pdbx_description
1 polymer 'DNA gyrase subunit B'
2 non-polymer '2-[[3,4-bis(chloranyl)-5-methyl-1H-pyrrol-2-yl]carbonylamino]-4-[(1S)-1-phenylethoxy]-1,3-benzothiazole-6-carboxylic acid'
3 non-polymer '2-[[3,4-bis(chloranyl)-5-methyl-1H-pyrrol-2-yl]carbonylamino]-4-[(1R)-1-phenylethoxy]-1,3-benzothiazole-6-carboxylic acid'
4 water water
#
_entity_poly.entity_id   1
_entity_poly.type   'polypeptide(L)'
_entity_poly.pdbx_seq_one_letter_code
;RGLDAVRKRPGMYIGDTDDGTGLHHMVFEVVDNAIDEALAGHCDEIIVTIHEDESVSVSDNGRGIPTDIHPEEGVSAAEV
ILTILHAGGKFDDNSYKVSGGLHGVGVSVVNALSSKLHLTIYRAGQIHEQEYHHGDPQYPLRVIGETDNTGTTVRFWPSA
ETFSQTIFNVEILARRLRELSFLNAGVRIVLRDERINLEHVYDYEG
;
_entity_poly.pdbx_strand_id   A,B
#
loop_
_chem_comp.id
_chem_comp.type
_chem_comp.name
_chem_comp.formula
80S non-polymer '2-[[3,4-bis(chloranyl)-5-methyl-1H-pyrrol-2-yl]carbonylamino]-4-[(1S)-1-phenylethoxy]-1,3-benzothiazole-6-carboxylic acid' 'C22 H17 Cl2 N3 O4 S'
81N non-polymer '2-[[3,4-bis(chloranyl)-5-methyl-1H-pyrrol-2-yl]carbonylamino]-4-[(1R)-1-phenylethoxy]-1,3-benzothiazole-6-carboxylic acid' 'C22 H17 Cl2 N3 O4 S'
#
# COMPACT_ATOMS: atom_id res chain seq x y z
N GLY A 2 -26.38 -5.38 -1.06
CA GLY A 2 -26.75 -4.11 -0.36
C GLY A 2 -25.56 -3.41 0.29
N LEU A 3 -24.40 -3.41 -0.40
CA LEU A 3 -23.13 -2.80 0.09
C LEU A 3 -23.23 -1.28 0.08
N ASP A 4 -24.14 -0.72 -0.70
CA ASP A 4 -24.42 0.74 -0.76
C ASP A 4 -24.71 1.24 0.65
N ALA A 5 -25.64 0.57 1.35
CA ALA A 5 -26.05 0.89 2.72
C ALA A 5 -24.81 0.88 3.63
N VAL A 6 -23.88 -0.07 3.44
CA VAL A 6 -22.68 -0.23 4.30
C VAL A 6 -21.78 1.00 4.14
N ARG A 7 -21.50 1.40 2.90
CA ARG A 7 -20.68 2.62 2.60
C ARG A 7 -21.36 3.86 3.17
N LYS A 8 -22.70 3.91 3.13
CA LYS A 8 -23.51 5.10 3.54
C LYS A 8 -23.48 5.24 5.08
N ARG A 9 -23.53 4.12 5.82
CA ARG A 9 -23.52 4.12 7.31
C ARG A 9 -22.59 3.04 7.83
N PRO A 10 -21.26 3.21 7.63
CA PRO A 10 -20.29 2.18 7.99
C PRO A 10 -20.31 1.86 9.49
N GLY A 11 -20.52 2.87 10.33
CA GLY A 11 -20.57 2.74 11.81
C GLY A 11 -21.52 1.65 12.26
N MET A 12 -22.66 1.53 11.60
CA MET A 12 -23.73 0.53 11.88
C MET A 12 -23.22 -0.90 11.66
N TYR A 13 -22.25 -1.10 10.76
CA TYR A 13 -21.79 -2.44 10.33
C TYR A 13 -20.40 -2.78 10.89
N ILE A 14 -19.47 -1.81 11.00
CA ILE A 14 -18.07 -2.12 11.41
C ILE A 14 -17.73 -1.47 12.75
N GLY A 15 -18.52 -0.49 13.20
CA GLY A 15 -18.27 0.23 14.46
C GLY A 15 -17.60 1.56 14.20
N ASP A 16 -16.98 2.13 15.23
CA ASP A 16 -16.53 3.54 15.20
C ASP A 16 -15.41 3.68 14.17
N THR A 17 -15.60 4.55 13.18
CA THR A 17 -14.67 4.71 12.04
C THR A 17 -13.57 5.71 12.38
N ASP A 18 -13.57 6.28 13.59
CA ASP A 18 -12.64 7.38 13.97
C ASP A 18 -11.63 6.93 15.03
N ASP A 19 -12.02 6.07 15.99
CA ASP A 19 -11.24 5.87 17.23
C ASP A 19 -10.32 4.64 17.11
N GLY A 20 -10.30 3.96 15.97
CA GLY A 20 -9.40 2.81 15.71
C GLY A 20 -10.11 1.48 15.90
N THR A 21 -11.26 1.47 16.56
CA THR A 21 -11.97 0.20 16.91
C THR A 21 -12.52 -0.41 15.61
N GLY A 22 -13.31 0.35 14.85
CA GLY A 22 -13.86 -0.10 13.56
C GLY A 22 -12.75 -0.52 12.59
N LEU A 23 -11.66 0.24 12.54
CA LEU A 23 -10.52 -0.08 11.64
C LEU A 23 -9.99 -1.48 11.99
N HIS A 24 -9.70 -1.75 13.25
CA HIS A 24 -9.12 -3.06 13.64
C HIS A 24 -10.19 -4.16 13.50
N HIS A 25 -11.48 -3.83 13.70
CA HIS A 25 -12.62 -4.77 13.46
C HIS A 25 -12.54 -5.29 12.02
N MET A 26 -12.02 -4.52 11.09
CA MET A 26 -11.88 -4.97 9.66
C MET A 26 -11.00 -6.22 9.63
N VAL A 27 -9.85 -6.18 10.33
CA VAL A 27 -8.91 -7.33 10.40
C VAL A 27 -9.59 -8.45 11.18
N PHE A 28 -10.21 -8.14 12.31
CA PHE A 28 -10.83 -9.18 13.19
C PHE A 28 -11.90 -9.93 12.41
N GLU A 29 -12.69 -9.26 11.57
CA GLU A 29 -13.77 -9.93 10.81
C GLU A 29 -13.16 -10.95 9.85
N VAL A 30 -12.08 -10.61 9.14
CA VAL A 30 -11.42 -11.55 8.21
C VAL A 30 -10.83 -12.73 9.01
N VAL A 31 -10.14 -12.44 10.11
CA VAL A 31 -9.51 -13.49 10.98
C VAL A 31 -10.60 -14.43 11.52
N ASP A 32 -11.76 -13.89 11.90
CA ASP A 32 -12.88 -14.68 12.50
C ASP A 32 -13.35 -15.72 11.47
N ASN A 33 -13.31 -15.38 10.18
CA ASN A 33 -13.65 -16.36 9.11
C ASN A 33 -12.61 -17.49 9.10
N ALA A 34 -11.32 -17.17 9.24
CA ALA A 34 -10.26 -18.18 9.30
C ALA A 34 -10.40 -19.03 10.58
N ILE A 35 -10.74 -18.40 11.70
CA ILE A 35 -10.94 -19.13 12.99
C ILE A 35 -12.08 -20.13 12.84
N ASP A 36 -13.19 -19.75 12.19
CA ASP A 36 -14.36 -20.65 11.94
C ASP A 36 -13.89 -21.89 11.18
N GLU A 37 -13.01 -21.70 10.20
CA GLU A 37 -12.42 -22.78 9.39
C GLU A 37 -11.62 -23.72 10.29
N ALA A 38 -10.93 -23.19 11.32
CA ALA A 38 -10.13 -23.98 12.28
C ALA A 38 -11.07 -24.75 13.22
N LEU A 39 -12.13 -24.09 13.73
CA LEU A 39 -13.12 -24.71 14.66
C LEU A 39 -13.76 -25.92 13.96
N ALA A 40 -13.95 -25.84 12.64
CA ALA A 40 -14.59 -26.91 11.83
C ALA A 40 -13.60 -28.03 11.53
N GLY A 41 -12.32 -27.84 11.89
CA GLY A 41 -11.25 -28.84 11.75
C GLY A 41 -10.49 -28.77 10.43
N HIS A 42 -10.61 -27.68 9.66
CA HIS A 42 -10.06 -27.60 8.27
C HIS A 42 -8.76 -26.79 8.23
N CYS A 43 -8.55 -25.89 9.19
CA CYS A 43 -7.45 -24.91 9.22
C CYS A 43 -6.66 -25.05 10.53
N ASP A 44 -5.32 -25.12 10.44
CA ASP A 44 -4.43 -25.17 11.63
C ASP A 44 -3.35 -24.09 11.55
N GLU A 45 -3.38 -23.21 10.54
CA GLU A 45 -2.39 -22.11 10.43
C GLU A 45 -3.07 -20.88 9.84
N ILE A 46 -2.90 -19.74 10.50
CA ILE A 46 -3.40 -18.41 10.05
C ILE A 46 -2.21 -17.45 10.10
N ILE A 47 -1.93 -16.78 8.98
CA ILE A 47 -0.83 -15.77 8.91
C ILE A 47 -1.48 -14.41 8.65
N VAL A 48 -1.23 -13.47 9.55
CA VAL A 48 -1.77 -12.09 9.50
C VAL A 48 -0.57 -11.18 9.29
N THR A 49 -0.55 -10.44 8.20
CA THR A 49 0.59 -9.56 7.84
C THR A 49 0.10 -8.11 7.74
N ILE A 50 0.79 -7.19 8.42
CA ILE A 50 0.71 -5.73 8.16
C ILE A 50 1.83 -5.44 7.15
N HIS A 51 1.44 -5.10 5.93
CA HIS A 51 2.38 -4.86 4.80
C HIS A 51 2.98 -3.47 4.94
N GLU A 52 4.13 -3.26 4.32
CA GLU A 52 4.82 -1.95 4.27
C GLU A 52 3.85 -0.88 3.74
N ASP A 53 2.97 -1.24 2.80
CA ASP A 53 1.98 -0.32 2.18
C ASP A 53 0.79 -0.05 3.10
N GLU A 54 0.78 -0.61 4.33
CA GLU A 54 -0.23 -0.38 5.40
C GLU A 54 -1.45 -1.28 5.19
N SER A 55 -1.50 -2.09 4.13
CA SER A 55 -2.57 -3.11 3.92
C SER A 55 -2.36 -4.26 4.91
N VAL A 56 -3.40 -5.07 5.09
CA VAL A 56 -3.33 -6.30 5.92
C VAL A 56 -3.72 -7.47 5.04
N SER A 57 -2.95 -8.56 5.12
CA SER A 57 -3.36 -9.85 4.52
C SER A 57 -3.62 -10.86 5.66
N VAL A 58 -4.63 -11.69 5.47
CA VAL A 58 -4.95 -12.85 6.33
C VAL A 58 -4.96 -14.06 5.39
N SER A 59 -4.09 -15.04 5.64
N SER A 59 -4.08 -15.04 5.63
CA SER A 59 -4.01 -16.33 4.90
CA SER A 59 -4.01 -16.34 4.90
C SER A 59 -4.36 -17.47 5.86
C SER A 59 -4.35 -17.47 5.86
N ASP A 60 -5.27 -18.36 5.46
CA ASP A 60 -5.56 -19.62 6.19
C ASP A 60 -5.24 -20.79 5.27
N ASN A 61 -5.17 -21.99 5.84
CA ASN A 61 -4.94 -23.27 5.12
C ASN A 61 -6.19 -24.14 5.27
N GLY A 62 -7.37 -23.51 5.33
CA GLY A 62 -8.69 -24.16 5.33
C GLY A 62 -9.08 -24.67 3.96
N ARG A 63 -10.38 -24.84 3.73
CA ARG A 63 -10.95 -25.50 2.53
C ARG A 63 -10.77 -24.60 1.31
N GLY A 64 -10.63 -23.28 1.51
CA GLY A 64 -10.75 -22.29 0.43
C GLY A 64 -12.22 -21.99 0.17
N ILE A 65 -12.59 -20.72 -0.01
CA ILE A 65 -13.99 -20.33 -0.31
C ILE A 65 -14.41 -21.03 -1.61
N PRO A 66 -15.62 -21.63 -1.67
CA PRO A 66 -16.10 -22.25 -2.90
C PRO A 66 -16.03 -21.32 -4.12
N THR A 67 -15.70 -21.89 -5.28
CA THR A 67 -15.40 -21.16 -6.54
C THR A 67 -16.49 -21.42 -7.59
N ASP A 68 -17.23 -22.52 -7.45
CA ASP A 68 -18.29 -22.95 -8.40
C ASP A 68 -19.36 -21.84 -8.52
N ILE A 69 -19.96 -21.70 -9.70
CA ILE A 69 -20.99 -20.65 -9.93
C ILE A 69 -22.16 -20.89 -8.97
N HIS A 70 -22.64 -19.82 -8.35
CA HIS A 70 -23.88 -19.80 -7.53
C HIS A 70 -25.07 -19.65 -8.48
N PRO A 71 -25.94 -20.68 -8.60
CA PRO A 71 -27.05 -20.63 -9.54
C PRO A 71 -27.89 -19.35 -9.50
N GLU A 72 -28.24 -18.88 -8.29
CA GLU A 72 -29.19 -17.74 -8.13
C GLU A 72 -28.54 -16.46 -8.68
N GLU A 73 -27.21 -16.36 -8.61
CA GLU A 73 -26.46 -15.09 -8.80
C GLU A 73 -25.70 -15.09 -10.12
N GLY A 74 -25.37 -16.26 -10.67
CA GLY A 74 -24.69 -16.38 -11.98
C GLY A 74 -23.23 -15.99 -11.91
N VAL A 75 -22.65 -15.89 -10.72
CA VAL A 75 -21.21 -15.60 -10.47
C VAL A 75 -20.70 -16.59 -9.43
N SER A 76 -19.37 -16.73 -9.34
CA SER A 76 -18.68 -17.59 -8.36
C SER A 76 -19.30 -17.41 -6.96
N ALA A 77 -19.41 -18.48 -6.19
CA ALA A 77 -19.88 -18.42 -4.78
C ALA A 77 -19.00 -17.40 -4.05
N ALA A 78 -17.68 -17.45 -4.28
CA ALA A 78 -16.70 -16.52 -3.66
C ALA A 78 -17.14 -15.07 -3.90
N GLU A 79 -17.47 -14.69 -5.14
CA GLU A 79 -17.95 -13.31 -5.42
C GLU A 79 -19.23 -13.01 -4.63
N VAL A 80 -20.15 -13.96 -4.55
CA VAL A 80 -21.43 -13.72 -3.84
C VAL A 80 -21.12 -13.40 -2.37
N ILE A 81 -20.22 -14.18 -1.77
N ILE A 81 -20.23 -14.18 -1.76
CA ILE A 81 -19.81 -14.02 -0.34
CA ILE A 81 -19.81 -14.03 -0.34
C ILE A 81 -19.13 -12.67 -0.16
C ILE A 81 -19.13 -12.67 -0.15
N LEU A 82 -18.33 -12.22 -1.12
CA LEU A 82 -17.55 -10.97 -0.98
C LEU A 82 -18.42 -9.74 -1.28
N THR A 83 -19.56 -9.87 -1.98
CA THR A 83 -20.27 -8.69 -2.56
C THR A 83 -21.73 -8.56 -2.14
N ILE A 84 -22.28 -9.51 -1.38
CA ILE A 84 -23.71 -9.47 -0.96
C ILE A 84 -23.80 -9.68 0.57
N LEU A 85 -24.51 -8.78 1.26
CA LEU A 85 -24.46 -8.58 2.73
C LEU A 85 -24.89 -9.85 3.49
N GLY A 104 -21.14 -12.88 12.64
CA GLY A 104 -20.36 -11.69 12.22
C GLY A 104 -21.06 -10.93 11.10
N VAL A 105 -20.61 -9.70 10.86
CA VAL A 105 -21.19 -8.79 9.82
C VAL A 105 -20.92 -9.39 8.44
N GLY A 106 -19.81 -10.10 8.27
CA GLY A 106 -19.43 -10.80 7.03
C GLY A 106 -18.32 -10.06 6.30
N VAL A 107 -17.51 -10.79 5.56
CA VAL A 107 -16.32 -10.26 4.85
C VAL A 107 -16.78 -9.26 3.78
N SER A 108 -18.02 -9.34 3.32
CA SER A 108 -18.60 -8.34 2.37
C SER A 108 -18.55 -6.92 2.94
N VAL A 109 -18.71 -6.76 4.27
CA VAL A 109 -18.58 -5.44 4.94
C VAL A 109 -17.13 -4.96 4.79
N VAL A 110 -16.15 -5.83 5.05
CA VAL A 110 -14.71 -5.48 4.94
C VAL A 110 -14.46 -5.05 3.48
N ASN A 111 -15.04 -5.79 2.53
CA ASN A 111 -14.86 -5.50 1.08
C ASN A 111 -15.45 -4.12 0.75
N ALA A 112 -16.67 -3.83 1.22
CA ALA A 112 -17.41 -2.58 0.95
C ALA A 112 -16.59 -1.37 1.42
N LEU A 113 -15.88 -1.52 2.53
CA LEU A 113 -15.19 -0.40 3.21
C LEU A 113 -13.69 -0.40 2.91
N SER A 114 -13.27 -1.18 1.91
CA SER A 114 -11.87 -1.26 1.43
C SER A 114 -11.77 -0.60 0.05
N SER A 115 -10.84 0.33 -0.14
CA SER A 115 -10.58 0.94 -1.47
C SER A 115 -10.19 -0.16 -2.46
N LYS A 116 -9.50 -1.19 -1.97
CA LYS A 116 -9.10 -2.37 -2.77
C LYS A 116 -9.08 -3.61 -1.86
N LEU A 117 -9.49 -4.74 -2.43
CA LEU A 117 -9.36 -6.06 -1.76
C LEU A 117 -8.93 -7.07 -2.83
N HIS A 118 -7.90 -7.86 -2.50
CA HIS A 118 -7.41 -8.97 -3.34
C HIS A 118 -7.71 -10.31 -2.65
N LEU A 119 -8.49 -11.15 -3.33
CA LEU A 119 -8.87 -12.52 -2.89
C LEU A 119 -8.06 -13.53 -3.69
N THR A 120 -7.39 -14.45 -3.01
CA THR A 120 -6.78 -15.67 -3.61
C THR A 120 -7.41 -16.89 -2.94
N ILE A 121 -7.84 -17.86 -3.72
CA ILE A 121 -8.39 -19.15 -3.21
C ILE A 121 -7.51 -20.29 -3.75
N TYR A 122 -7.10 -21.20 -2.88
CA TYR A 122 -6.42 -22.47 -3.20
C TYR A 122 -7.43 -23.60 -2.94
N ARG A 123 -7.95 -24.23 -3.98
CA ARG A 123 -9.04 -25.22 -3.83
C ARG A 123 -9.10 -26.14 -5.05
N ALA A 124 -9.30 -27.43 -4.80
CA ALA A 124 -9.48 -28.47 -5.85
C ALA A 124 -8.35 -28.35 -6.88
N GLY A 125 -7.11 -28.15 -6.41
CA GLY A 125 -5.88 -28.21 -7.21
C GLY A 125 -5.61 -26.93 -7.99
N GLN A 126 -6.41 -25.88 -7.83
CA GLN A 126 -6.27 -24.64 -8.64
C GLN A 126 -6.13 -23.40 -7.74
N ILE A 127 -5.43 -22.38 -8.25
CA ILE A 127 -5.35 -21.02 -7.62
C ILE A 127 -6.32 -20.11 -8.39
N HIS A 128 -7.25 -19.51 -7.66
CA HIS A 128 -8.27 -18.56 -8.17
C HIS A 128 -7.95 -17.18 -7.59
N GLU A 129 -8.22 -16.10 -8.33
CA GLU A 129 -8.10 -14.74 -7.77
C GLU A 129 -9.21 -13.85 -8.28
N GLN A 130 -9.54 -12.83 -7.47
CA GLN A 130 -10.47 -11.76 -7.82
C GLN A 130 -10.01 -10.50 -7.09
N GLU A 131 -10.11 -9.36 -7.76
CA GLU A 131 -9.82 -8.05 -7.16
C GLU A 131 -11.08 -7.20 -7.17
N TYR A 132 -11.28 -6.41 -6.11
CA TYR A 132 -12.42 -5.48 -5.94
C TYR A 132 -11.85 -4.10 -5.62
N HIS A 133 -12.60 -3.07 -6.00
CA HIS A 133 -12.40 -1.66 -5.62
C HIS A 133 -13.70 -1.16 -4.97
N HIS A 134 -13.67 -0.78 -3.68
CA HIS A 134 -14.88 -0.34 -2.93
C HIS A 134 -15.97 -1.42 -3.08
N GLY A 135 -15.57 -2.68 -3.14
CA GLY A 135 -16.51 -3.83 -3.13
C GLY A 135 -16.98 -4.24 -4.50
N ASP A 136 -16.60 -3.50 -5.55
CA ASP A 136 -17.02 -3.76 -6.96
C ASP A 136 -15.98 -4.66 -7.62
N PRO A 137 -16.35 -5.87 -8.09
CA PRO A 137 -15.38 -6.79 -8.66
C PRO A 137 -14.81 -6.20 -9.96
N GLN A 138 -13.49 -6.26 -10.13
CA GLN A 138 -12.80 -5.68 -11.32
C GLN A 138 -12.92 -6.66 -12.49
N TYR A 139 -13.09 -7.95 -12.19
CA TYR A 139 -13.17 -9.05 -13.17
C TYR A 139 -13.71 -10.27 -12.46
N PRO A 140 -14.29 -11.25 -13.19
CA PRO A 140 -14.79 -12.47 -12.55
C PRO A 140 -13.64 -13.35 -12.01
N LEU A 141 -13.90 -14.02 -10.89
CA LEU A 141 -12.96 -14.98 -10.26
C LEU A 141 -12.36 -15.86 -11.35
N ARG A 142 -11.03 -15.86 -11.45
CA ARG A 142 -10.30 -16.53 -12.57
C ARG A 142 -9.24 -17.47 -12.03
N VAL A 143 -9.04 -18.59 -12.73
CA VAL A 143 -7.97 -19.58 -12.44
C VAL A 143 -6.67 -19.05 -13.01
N ILE A 144 -5.62 -19.01 -12.19
CA ILE A 144 -4.30 -18.41 -12.58
C ILE A 144 -3.17 -19.43 -12.41
N GLY A 145 -3.45 -20.65 -11.91
CA GLY A 145 -2.39 -21.66 -11.73
C GLY A 145 -2.87 -22.87 -10.95
N GLU A 146 -1.93 -23.77 -10.67
CA GLU A 146 -2.15 -25.09 -10.03
C GLU A 146 -1.50 -25.05 -8.64
N THR A 147 -2.00 -25.85 -7.73
CA THR A 147 -1.52 -25.88 -6.32
C THR A 147 -1.89 -27.23 -5.70
N ASP A 148 -1.09 -27.69 -4.75
CA ASP A 148 -1.37 -28.89 -3.92
C ASP A 148 -2.01 -28.44 -2.61
N ASN A 149 -2.17 -27.12 -2.40
CA ASN A 149 -2.63 -26.54 -1.12
C ASN A 149 -4.12 -26.20 -1.20
N THR A 150 -4.74 -26.00 -0.04
CA THR A 150 -6.09 -25.42 0.13
C THR A 150 -6.00 -24.22 1.08
N GLY A 151 -6.89 -23.25 0.90
CA GLY A 151 -7.00 -22.11 1.82
C GLY A 151 -7.41 -20.84 1.12
N THR A 152 -7.53 -19.78 1.90
CA THR A 152 -8.03 -18.45 1.48
C THR A 152 -7.03 -17.40 1.94
N THR A 153 -6.66 -16.48 1.03
CA THR A 153 -5.91 -15.26 1.37
C THR A 153 -6.75 -14.05 0.99
N VAL A 154 -6.91 -13.12 1.94
CA VAL A 154 -7.57 -11.81 1.69
C VAL A 154 -6.57 -10.73 2.07
N ARG A 155 -6.24 -9.86 1.11
CA ARG A 155 -5.43 -8.65 1.38
C ARG A 155 -6.34 -7.45 1.11
N PHE A 156 -6.39 -6.49 2.03
CA PHE A 156 -7.34 -5.36 1.91
C PHE A 156 -6.68 -4.07 2.38
N TRP A 157 -7.10 -3.00 1.71
CA TRP A 157 -6.68 -1.60 1.93
C TRP A 157 -7.90 -0.85 2.46
N PRO A 158 -8.01 -0.56 3.78
CA PRO A 158 -9.18 0.15 4.27
C PRO A 158 -9.31 1.53 3.61
N SER A 159 -10.54 1.91 3.26
CA SER A 159 -10.86 3.20 2.59
C SER A 159 -10.63 4.36 3.54
N ALA A 160 -9.82 5.34 3.11
CA ALA A 160 -9.56 6.59 3.84
C ALA A 160 -10.79 7.50 3.76
N GLU A 161 -11.75 7.21 2.86
CA GLU A 161 -13.04 7.93 2.79
C GLU A 161 -13.93 7.47 3.95
N THR A 162 -13.76 6.23 4.43
CA THR A 162 -14.59 5.66 5.52
C THR A 162 -13.90 5.91 6.87
N PHE A 163 -12.61 5.60 6.94
CA PHE A 163 -11.81 5.61 8.19
C PHE A 163 -10.94 6.86 8.25
N SER A 164 -11.05 7.64 9.33
CA SER A 164 -10.27 8.88 9.55
C SER A 164 -8.82 8.54 9.93
N GLN A 165 -8.56 7.33 10.44
CA GLN A 165 -7.21 6.75 10.63
C GLN A 165 -7.24 5.35 9.99
N THR A 166 -6.21 5.00 9.22
CA THR A 166 -6.15 3.73 8.45
C THR A 166 -4.88 2.93 8.79
N ILE A 167 -4.08 3.38 9.76
CA ILE A 167 -2.79 2.74 10.11
C ILE A 167 -3.06 1.70 11.20
N PHE A 168 -2.79 0.43 10.93
CA PHE A 168 -3.01 -0.66 11.90
C PHE A 168 -1.91 -0.61 12.97
N ASN A 169 -2.35 -0.88 14.20
CA ASN A 169 -1.53 -0.92 15.42
C ASN A 169 -1.22 -2.38 15.70
N VAL A 170 0.05 -2.77 15.62
CA VAL A 170 0.48 -4.18 15.74
C VAL A 170 0.12 -4.72 17.14
N GLU A 171 0.09 -3.85 18.16
N GLU A 171 0.09 -3.85 18.16
CA GLU A 171 -0.19 -4.27 19.56
CA GLU A 171 -0.19 -4.25 19.56
C GLU A 171 -1.68 -4.63 19.70
C GLU A 171 -1.67 -4.62 19.70
N ILE A 172 -2.56 -3.87 19.06
CA ILE A 172 -4.02 -4.15 19.09
C ILE A 172 -4.27 -5.49 18.40
N LEU A 173 -3.65 -5.73 17.24
CA LEU A 173 -3.79 -7.03 16.52
C LEU A 173 -3.20 -8.15 17.38
N ALA A 174 -2.01 -7.94 17.96
CA ALA A 174 -1.27 -8.97 18.74
C ALA A 174 -2.16 -9.45 19.89
N ARG A 175 -2.78 -8.50 20.61
CA ARG A 175 -3.61 -8.84 21.80
C ARG A 175 -4.76 -9.76 21.36
N ARG A 176 -5.46 -9.44 20.27
CA ARG A 176 -6.61 -10.24 19.79
C ARG A 176 -6.11 -11.60 19.30
N LEU A 177 -4.99 -11.64 18.58
CA LEU A 177 -4.47 -12.93 18.03
C LEU A 177 -4.03 -13.84 19.18
N ARG A 178 -3.41 -13.30 20.24
CA ARG A 178 -3.02 -14.07 21.44
C ARG A 178 -4.27 -14.72 22.04
N GLU A 179 -5.38 -13.95 22.13
CA GLU A 179 -6.66 -14.43 22.72
C GLU A 179 -7.19 -15.59 21.86
N LEU A 180 -7.17 -15.39 20.54
CA LEU A 180 -7.73 -16.39 19.60
C LEU A 180 -6.87 -17.66 19.63
N SER A 181 -5.54 -17.52 19.76
CA SER A 181 -4.59 -18.66 19.87
C SER A 181 -4.94 -19.47 21.13
N PHE A 182 -5.17 -18.77 22.23
CA PHE A 182 -5.52 -19.39 23.53
C PHE A 182 -6.84 -20.16 23.38
N LEU A 183 -7.85 -19.52 22.81
CA LEU A 183 -9.23 -20.05 22.70
C LEU A 183 -9.33 -21.12 21.60
N ASN A 184 -8.35 -21.19 20.70
CA ASN A 184 -8.30 -22.17 19.58
C ASN A 184 -6.93 -22.85 19.59
N ALA A 185 -6.67 -23.67 20.60
CA ALA A 185 -5.41 -24.44 20.74
C ALA A 185 -5.33 -25.32 19.49
N GLY A 186 -4.15 -25.55 18.96
CA GLY A 186 -3.99 -26.33 17.73
C GLY A 186 -4.01 -25.47 16.46
N VAL A 187 -4.42 -24.19 16.52
CA VAL A 187 -4.19 -23.21 15.41
C VAL A 187 -2.92 -22.41 15.72
N ARG A 188 -1.93 -22.52 14.84
CA ARG A 188 -0.70 -21.68 14.79
C ARG A 188 -1.09 -20.36 14.13
N ILE A 189 -0.99 -19.24 14.85
CA ILE A 189 -1.29 -17.89 14.34
C ILE A 189 0.03 -17.13 14.28
N VAL A 190 0.41 -16.69 13.08
CA VAL A 190 1.65 -15.91 12.83
C VAL A 190 1.22 -14.47 12.57
N LEU A 191 1.83 -13.53 13.28
CA LEU A 191 1.63 -12.07 13.09
C LEU A 191 2.94 -11.52 12.56
N ARG A 192 2.90 -10.90 11.38
CA ARG A 192 4.06 -10.20 10.78
C ARG A 192 3.72 -8.72 10.62
N ASP A 193 4.66 -7.87 10.99
CA ASP A 193 4.60 -6.41 10.72
C ASP A 193 5.84 -6.08 9.90
N GLU A 194 5.66 -5.94 8.59
CA GLU A 194 6.78 -5.65 7.64
C GLU A 194 7.40 -4.31 7.98
N ARG A 195 6.64 -3.38 8.57
CA ARG A 195 7.12 -1.99 8.79
C ARG A 195 8.27 -1.97 9.80
N ILE A 196 8.31 -2.94 10.72
CA ILE A 196 9.36 -3.03 11.78
C ILE A 196 10.04 -4.41 11.74
N ASN A 197 9.82 -5.19 10.68
CA ASN A 197 10.36 -6.58 10.52
C ASN A 197 10.13 -7.39 11.80
N LEU A 198 8.90 -7.36 12.32
CA LEU A 198 8.45 -8.15 13.51
C LEU A 198 7.76 -9.43 13.00
N GLU A 199 8.04 -10.56 13.63
CA GLU A 199 7.20 -11.79 13.51
C GLU A 199 6.98 -12.35 14.90
N HIS A 200 5.72 -12.55 15.28
CA HIS A 200 5.32 -13.26 16.53
C HIS A 200 4.51 -14.52 16.16
N VAL A 201 4.81 -15.65 16.80
CA VAL A 201 4.08 -16.94 16.62
C VAL A 201 3.27 -17.22 17.89
N TYR A 202 1.95 -17.32 17.75
CA TYR A 202 0.98 -17.67 18.83
C TYR A 202 0.48 -19.08 18.56
N ASP A 203 0.88 -20.02 19.40
CA ASP A 203 0.56 -21.46 19.22
C ASP A 203 0.49 -22.09 20.61
N TYR A 204 -0.73 -22.32 21.11
CA TYR A 204 -1.02 -23.04 22.38
C TYR A 204 -0.97 -24.55 22.13
N LEU B 3 -3.71 20.70 0.35
CA LEU B 3 -3.68 19.29 -0.21
C LEU B 3 -5.11 18.76 -0.37
N ASP B 4 -6.06 19.29 0.41
CA ASP B 4 -7.51 18.94 0.31
C ASP B 4 -7.96 19.16 -1.13
N ALA B 5 -7.69 20.34 -1.68
CA ALA B 5 -8.02 20.74 -3.07
C ALA B 5 -7.44 19.71 -4.04
N VAL B 6 -6.22 19.22 -3.79
CA VAL B 6 -5.50 18.30 -4.72
C VAL B 6 -6.25 16.97 -4.75
N ARG B 7 -6.60 16.42 -3.59
CA ARG B 7 -7.38 15.16 -3.47
C ARG B 7 -8.76 15.33 -4.13
N LYS B 8 -9.36 16.53 -4.05
CA LYS B 8 -10.73 16.80 -4.54
C LYS B 8 -10.75 16.90 -6.06
N ARG B 9 -9.70 17.46 -6.67
CA ARG B 9 -9.59 17.58 -8.16
C ARG B 9 -8.18 17.17 -8.60
N PRO B 10 -7.82 15.87 -8.48
CA PRO B 10 -6.47 15.43 -8.78
C PRO B 10 -6.09 15.66 -10.26
N GLY B 11 -7.08 15.53 -11.16
CA GLY B 11 -6.91 15.74 -12.61
C GLY B 11 -6.25 17.08 -12.93
N MET B 12 -6.67 18.13 -12.21
CA MET B 12 -6.17 19.53 -12.32
C MET B 12 -4.68 19.61 -12.00
N TYR B 13 -4.16 18.74 -11.14
CA TYR B 13 -2.78 18.83 -10.61
C TYR B 13 -1.85 17.80 -11.25
N ILE B 14 -2.32 16.57 -11.49
CA ILE B 14 -1.41 15.46 -11.92
C ILE B 14 -1.83 14.95 -13.30
N GLY B 15 -3.03 15.26 -13.79
CA GLY B 15 -3.55 14.75 -15.06
C GLY B 15 -4.51 13.59 -14.86
N ASP B 16 -4.84 12.89 -15.93
CA ASP B 16 -5.93 11.89 -15.97
C ASP B 16 -5.59 10.73 -15.04
N THR B 17 -6.48 10.46 -14.08
CA THR B 17 -6.27 9.44 -13.03
C THR B 17 -6.69 8.05 -13.50
N ASP B 18 -7.21 7.91 -14.73
CA ASP B 18 -7.82 6.64 -15.20
C ASP B 18 -6.97 6.00 -16.32
N ASP B 19 -6.32 6.79 -17.16
CA ASP B 19 -5.74 6.26 -18.43
C ASP B 19 -4.25 5.95 -18.27
N GLY B 20 -3.66 6.10 -17.08
CA GLY B 20 -2.25 5.79 -16.79
C GLY B 20 -1.34 7.01 -16.89
N THR B 21 -1.80 8.11 -17.48
CA THR B 21 -0.95 9.30 -17.74
C THR B 21 -0.63 9.98 -16.41
N GLY B 22 -1.66 10.33 -15.65
CA GLY B 22 -1.52 10.92 -14.29
C GLY B 22 -0.73 10.02 -13.36
N LEU B 23 -0.95 8.70 -13.41
CA LEU B 23 -0.24 7.73 -12.56
C LEU B 23 1.27 7.87 -12.81
N HIS B 24 1.68 7.83 -14.08
CA HIS B 24 3.13 7.89 -14.40
C HIS B 24 3.68 9.30 -14.12
N HIS B 25 2.85 10.33 -14.27
CA HIS B 25 3.23 11.73 -13.94
C HIS B 25 3.65 11.81 -12.46
N MET B 26 3.09 10.95 -11.59
CA MET B 26 3.49 10.90 -10.16
C MET B 26 4.99 10.64 -10.06
N VAL B 27 5.48 9.64 -10.80
CA VAL B 27 6.93 9.29 -10.81
C VAL B 27 7.71 10.43 -11.50
N PHE B 28 7.20 10.94 -12.61
CA PHE B 28 7.93 11.99 -13.39
C PHE B 28 8.17 13.22 -12.49
N GLU B 29 7.16 13.60 -11.69
CA GLU B 29 7.27 14.80 -10.82
C GLU B 29 8.40 14.58 -9.79
N VAL B 30 8.48 13.41 -9.16
CA VAL B 30 9.55 13.12 -8.17
C VAL B 30 10.91 13.14 -8.86
N VAL B 31 11.03 12.50 -10.03
CA VAL B 31 12.31 12.43 -10.80
C VAL B 31 12.74 13.87 -11.17
N ASP B 32 11.79 14.72 -11.59
CA ASP B 32 12.06 16.12 -11.99
C ASP B 32 12.72 16.87 -10.82
N ASN B 33 12.30 16.59 -9.57
CA ASN B 33 12.95 17.18 -8.37
C ASN B 33 14.41 16.70 -8.26
N ALA B 34 14.69 15.41 -8.50
CA ALA B 34 16.08 14.91 -8.50
C ALA B 34 16.89 15.56 -9.65
N ILE B 35 16.29 15.73 -10.83
CA ILE B 35 16.99 16.36 -12.00
C ILE B 35 17.37 17.80 -11.62
N ASP B 36 16.48 18.55 -10.96
CA ASP B 36 16.71 19.94 -10.50
C ASP B 36 17.94 19.98 -9.59
N GLU B 37 18.06 19.01 -8.69
CA GLU B 37 19.20 18.87 -7.75
C GLU B 37 20.49 18.64 -8.54
N ALA B 38 20.43 17.94 -9.67
CA ALA B 38 21.59 17.69 -10.56
C ALA B 38 21.95 18.99 -11.31
N LEU B 39 20.95 19.68 -11.85
CA LEU B 39 21.17 20.93 -12.63
C LEU B 39 21.82 21.98 -11.72
N ALA B 40 21.52 21.95 -10.41
CA ALA B 40 22.08 22.89 -9.42
C ALA B 40 23.52 22.50 -9.04
N GLY B 41 23.97 21.32 -9.47
CA GLY B 41 25.34 20.81 -9.30
C GLY B 41 25.52 19.98 -8.06
N HIS B 42 24.46 19.48 -7.43
CA HIS B 42 24.55 18.74 -6.14
C HIS B 42 24.46 17.23 -6.33
N CYS B 43 23.77 16.80 -7.37
CA CYS B 43 23.40 15.39 -7.62
C CYS B 43 23.99 14.93 -8.96
N ASP B 44 24.57 13.73 -9.03
CA ASP B 44 25.06 13.14 -10.31
C ASP B 44 24.53 11.71 -10.49
N GLU B 45 23.70 11.22 -9.57
CA GLU B 45 23.14 9.85 -9.66
C GLU B 45 21.71 9.85 -9.14
N ILE B 46 20.81 9.25 -9.92
CA ILE B 46 19.37 9.13 -9.61
C ILE B 46 19.01 7.66 -9.82
N ILE B 47 18.43 7.03 -8.79
CA ILE B 47 18.02 5.61 -8.85
C ILE B 47 16.50 5.57 -8.71
N VAL B 48 15.83 5.00 -9.71
CA VAL B 48 14.36 4.87 -9.76
C VAL B 48 14.07 3.38 -9.67
N THR B 49 13.34 2.96 -8.63
CA THR B 49 13.03 1.54 -8.39
C THR B 49 11.52 1.34 -8.39
N ILE B 50 11.04 0.39 -9.20
CA ILE B 50 9.68 -0.18 -9.09
C ILE B 50 9.81 -1.39 -8.17
N HIS B 51 9.23 -1.29 -6.96
CA HIS B 51 9.35 -2.33 -5.91
C HIS B 51 8.37 -3.48 -6.21
N GLU B 52 8.67 -4.65 -5.67
CA GLU B 52 7.79 -5.84 -5.71
C GLU B 52 6.36 -5.47 -5.30
N ASP B 53 6.19 -4.59 -4.28
CA ASP B 53 4.85 -4.21 -3.77
C ASP B 53 4.22 -3.10 -4.61
N GLU B 54 4.80 -2.76 -5.77
CA GLU B 54 4.20 -1.85 -6.80
C GLU B 54 4.44 -0.38 -6.44
N SER B 55 5.13 -0.09 -5.33
CA SER B 55 5.57 1.29 -5.00
C SER B 55 6.75 1.67 -5.90
N VAL B 56 7.05 2.95 -5.96
CA VAL B 56 8.25 3.48 -6.68
C VAL B 56 9.08 4.28 -5.68
N SER B 57 10.39 4.08 -5.68
CA SER B 57 11.32 4.95 -4.95
C SER B 57 12.21 5.71 -5.95
N VAL B 58 12.50 6.96 -5.64
CA VAL B 58 13.46 7.82 -6.38
C VAL B 58 14.47 8.29 -5.33
N SER B 59 15.75 7.96 -5.53
N SER B 59 15.74 7.92 -5.49
CA SER B 59 16.88 8.35 -4.66
CA SER B 59 16.86 8.38 -4.62
C SER B 59 17.83 9.25 -5.45
C SER B 59 17.79 9.26 -5.45
N ASP B 60 18.22 10.39 -4.88
CA ASP B 60 19.29 11.25 -5.43
C ASP B 60 20.41 11.32 -4.39
N ASN B 61 21.58 11.79 -4.82
CA ASN B 61 22.78 11.97 -3.96
C ASN B 61 23.10 13.47 -3.86
N GLY B 62 22.05 14.29 -3.88
CA GLY B 62 22.10 15.75 -3.68
C GLY B 62 22.27 16.13 -2.22
N ARG B 63 21.85 17.35 -1.88
CA ARG B 63 22.10 17.98 -0.56
C ARG B 63 21.29 17.29 0.54
N GLY B 64 20.18 16.65 0.16
CA GLY B 64 19.12 16.25 1.12
C GLY B 64 18.26 17.44 1.50
N ILE B 65 16.94 17.25 1.58
CA ILE B 65 16.01 18.35 1.98
C ILE B 65 16.37 18.80 3.40
N PRO B 66 16.41 20.11 3.70
CA PRO B 66 16.67 20.59 5.06
C PRO B 66 15.72 19.97 6.11
N THR B 67 16.28 19.69 7.30
CA THR B 67 15.61 18.95 8.40
C THR B 67 15.28 19.87 9.59
N ASP B 68 15.96 21.01 9.70
CA ASP B 68 15.75 22.03 10.75
C ASP B 68 14.30 22.53 10.74
N ILE B 69 13.79 22.89 11.92
CA ILE B 69 12.44 23.51 12.04
C ILE B 69 12.41 24.79 11.22
N HIS B 70 11.35 24.94 10.42
CA HIS B 70 11.01 26.18 9.68
C HIS B 70 10.18 27.05 10.60
N PRO B 71 10.72 28.18 11.12
CA PRO B 71 10.01 28.95 12.15
C PRO B 71 8.58 29.35 11.79
N GLU B 72 8.32 29.73 10.53
CA GLU B 72 7.00 30.25 10.07
C GLU B 72 5.93 29.16 10.23
N GLU B 73 6.31 27.88 10.13
CA GLU B 73 5.36 26.74 10.12
C GLU B 73 5.47 25.93 11.42
N GLY B 74 6.60 25.99 12.13
CA GLY B 74 6.80 25.26 13.40
C GLY B 74 6.93 23.77 13.20
N VAL B 75 7.30 23.33 11.99
CA VAL B 75 7.62 21.92 11.65
C VAL B 75 8.88 21.90 10.79
N SER B 76 9.50 20.73 10.63
CA SER B 76 10.71 20.52 9.78
C SER B 76 10.49 21.17 8.41
N ALA B 77 11.52 21.79 7.84
CA ALA B 77 11.46 22.33 6.45
C ALA B 77 11.00 21.21 5.51
N ALA B 78 11.52 20.00 5.70
CA ALA B 78 11.17 18.81 4.88
C ALA B 78 9.66 18.61 4.89
N GLU B 79 9.05 18.63 6.08
CA GLU B 79 7.57 18.49 6.19
C GLU B 79 6.87 19.63 5.42
N VAL B 80 7.35 20.85 5.53
CA VAL B 80 6.70 22.01 4.84
C VAL B 80 6.70 21.73 3.34
N ILE B 81 7.82 21.26 2.80
CA ILE B 81 7.97 20.97 1.34
C ILE B 81 7.01 19.83 0.95
N LEU B 82 6.83 18.82 1.82
CA LEU B 82 6.02 17.63 1.48
C LEU B 82 4.52 17.91 1.67
N THR B 83 4.12 18.92 2.46
CA THR B 83 2.71 19.04 2.94
C THR B 83 2.04 20.37 2.57
N ILE B 84 2.77 21.33 1.99
CA ILE B 84 2.18 22.67 1.67
C ILE B 84 2.46 23.00 0.19
N LEU B 85 1.41 23.37 -0.55
CA LEU B 85 1.33 23.34 -2.04
C LEU B 85 2.36 24.28 -2.66
N HIS B 103 8.42 26.69 -11.75
CA HIS B 103 8.49 25.55 -10.79
C HIS B 103 7.38 24.54 -11.13
N GLY B 104 7.65 23.24 -10.97
CA GLY B 104 6.68 22.15 -11.21
C GLY B 104 5.53 22.19 -10.22
N VAL B 105 4.62 21.21 -10.26
CA VAL B 105 3.45 21.15 -9.35
C VAL B 105 3.95 20.95 -7.92
N GLY B 106 5.06 20.21 -7.76
CA GLY B 106 5.73 19.97 -6.48
C GLY B 106 5.44 18.59 -5.92
N VAL B 107 6.37 18.09 -5.12
CA VAL B 107 6.31 16.74 -4.50
C VAL B 107 5.11 16.69 -3.54
N SER B 108 4.64 17.82 -3.00
CA SER B 108 3.45 17.85 -2.11
C SER B 108 2.21 17.31 -2.86
N VAL B 109 2.11 17.52 -4.18
CA VAL B 109 1.00 16.93 -4.98
C VAL B 109 1.11 15.41 -4.98
N VAL B 110 2.31 14.87 -5.22
CA VAL B 110 2.56 13.41 -5.22
C VAL B 110 2.18 12.88 -3.82
N ASN B 111 2.54 13.60 -2.78
CA ASN B 111 2.27 13.18 -1.38
C ASN B 111 0.74 13.12 -1.18
N ALA B 112 0.00 14.14 -1.60
CA ALA B 112 -1.47 14.26 -1.41
C ALA B 112 -2.18 13.07 -2.05
N LEU B 113 -1.65 12.60 -3.19
CA LEU B 113 -2.32 11.57 -4.02
C LEU B 113 -1.73 10.18 -3.78
N SER B 114 -0.91 10.03 -2.73
CA SER B 114 -0.27 8.75 -2.33
C SER B 114 -0.93 8.24 -1.05
N SER B 115 -1.38 7.00 -1.04
CA SER B 115 -1.92 6.35 0.19
C SER B 115 -0.80 6.31 1.24
N LYS B 116 0.45 6.18 0.80
CA LYS B 116 1.63 6.27 1.69
C LYS B 116 2.81 6.90 0.94
N LEU B 117 3.59 7.70 1.63
CA LEU B 117 4.88 8.21 1.10
C LEU B 117 5.89 8.15 2.24
N HIS B 118 7.07 7.60 1.96
CA HIS B 118 8.20 7.47 2.89
C HIS B 118 9.36 8.36 2.40
N LEU B 119 9.70 9.37 3.19
CA LEU B 119 10.81 10.32 2.93
C LEU B 119 11.99 9.92 3.80
N THR B 120 13.18 9.76 3.19
CA THR B 120 14.45 9.53 3.91
C THR B 120 15.44 10.60 3.45
N ILE B 121 16.08 11.27 4.40
CA ILE B 121 17.04 12.37 4.14
C ILE B 121 18.38 11.97 4.74
N TYR B 122 19.44 12.06 3.94
CA TYR B 122 20.84 11.91 4.33
C TYR B 122 21.47 13.31 4.29
N ARG B 123 21.81 13.88 5.43
CA ARG B 123 22.23 15.30 5.50
C ARG B 123 22.92 15.58 6.84
N ALA B 124 24.02 16.34 6.79
CA ALA B 124 24.73 16.84 7.99
C ALA B 124 24.97 15.67 8.97
N GLY B 125 25.40 14.53 8.43
CA GLY B 125 25.89 13.39 9.22
C GLY B 125 24.78 12.49 9.75
N GLN B 126 23.52 12.78 9.47
CA GLN B 126 22.38 12.04 10.07
C GLN B 126 21.40 11.54 9.01
N ILE B 127 20.70 10.45 9.33
CA ILE B 127 19.56 9.93 8.54
C ILE B 127 18.26 10.36 9.23
N HIS B 128 17.41 11.10 8.51
CA HIS B 128 16.07 11.52 8.95
C HIS B 128 15.02 10.76 8.14
N GLU B 129 13.87 10.43 8.73
CA GLU B 129 12.73 9.90 7.95
C GLU B 129 11.41 10.50 8.43
N GLN B 130 10.45 10.54 7.53
CA GLN B 130 9.05 10.89 7.83
C GLN B 130 8.19 10.05 6.91
N GLU B 131 7.07 9.57 7.44
CA GLU B 131 6.06 8.83 6.67
C GLU B 131 4.76 9.63 6.69
N TYR B 132 4.04 9.58 5.57
CA TYR B 132 2.75 10.28 5.38
C TYR B 132 1.76 9.25 4.83
N HIS B 133 0.49 9.50 5.09
CA HIS B 133 -0.66 8.72 4.56
C HIS B 133 -1.65 9.74 4.00
N HIS B 134 -1.88 9.70 2.69
CA HIS B 134 -2.75 10.69 2.00
C HIS B 134 -2.27 12.10 2.35
N GLY B 135 -0.96 12.30 2.49
CA GLY B 135 -0.32 13.61 2.67
C GLY B 135 -0.20 14.03 4.13
N ASP B 136 -0.79 13.26 5.06
CA ASP B 136 -0.82 13.59 6.50
C ASP B 136 0.38 12.94 7.19
N PRO B 137 1.29 13.71 7.82
CA PRO B 137 2.47 13.13 8.44
C PRO B 137 2.06 12.22 9.61
N GLN B 138 2.63 11.02 9.69
CA GLN B 138 2.32 10.04 10.77
C GLN B 138 3.00 10.48 12.08
N TYR B 139 4.14 11.14 11.97
CA TYR B 139 5.00 11.55 13.10
C TYR B 139 5.93 12.65 12.58
N PRO B 140 6.51 13.47 13.46
CA PRO B 140 7.46 14.48 13.04
C PRO B 140 8.75 13.83 12.51
N LEU B 141 9.38 14.48 11.54
CA LEU B 141 10.67 14.06 10.98
C LEU B 141 11.59 13.62 12.12
N ARG B 142 12.11 12.39 12.06
CA ARG B 142 12.88 11.77 13.15
C ARG B 142 14.25 11.29 12.67
N VAL B 143 15.24 11.40 13.57
CA VAL B 143 16.61 10.86 13.39
C VAL B 143 16.58 9.36 13.61
N ILE B 144 17.11 8.59 12.66
CA ILE B 144 17.11 7.10 12.74
C ILE B 144 18.53 6.54 12.60
N GLY B 145 19.54 7.38 12.38
CA GLY B 145 20.94 6.90 12.35
C GLY B 145 21.90 7.96 11.85
N GLU B 146 23.14 7.51 11.59
CA GLU B 146 24.30 8.32 11.20
C GLU B 146 24.65 7.95 9.76
N THR B 147 25.23 8.86 8.97
CA THR B 147 25.60 8.61 7.56
C THR B 147 26.71 9.60 7.16
N ASP B 148 27.57 9.18 6.25
CA ASP B 148 28.62 10.05 5.63
C ASP B 148 28.10 10.54 4.28
N ASN B 149 26.89 10.14 3.88
CA ASN B 149 26.31 10.42 2.54
C ASN B 149 25.31 11.58 2.63
N THR B 150 24.97 12.16 1.46
CA THR B 150 23.90 13.19 1.36
C THR B 150 22.91 12.76 0.28
N GLY B 151 21.66 13.17 0.41
CA GLY B 151 20.65 12.94 -0.62
C GLY B 151 19.26 12.75 -0.06
N THR B 152 18.31 12.62 -0.98
CA THR B 152 16.87 12.49 -0.68
C THR B 152 16.37 11.21 -1.36
N THR B 153 15.62 10.41 -0.61
CA THR B 153 14.85 9.27 -1.15
C THR B 153 13.37 9.52 -0.86
N VAL B 154 12.55 9.35 -1.88
CA VAL B 154 11.08 9.38 -1.75
C VAL B 154 10.56 8.04 -2.30
N ARG B 155 9.87 7.27 -1.46
CA ARG B 155 9.15 6.03 -1.87
C ARG B 155 7.65 6.30 -1.69
N PHE B 156 6.83 6.02 -2.69
CA PHE B 156 5.39 6.40 -2.65
C PHE B 156 4.56 5.29 -3.29
N TRP B 157 3.36 5.16 -2.72
CA TRP B 157 2.29 4.24 -3.12
C TRP B 157 1.16 5.10 -3.61
N PRO B 158 0.92 5.22 -4.94
CA PRO B 158 -0.21 6.00 -5.43
C PRO B 158 -1.53 5.45 -4.85
N SER B 159 -2.42 6.37 -4.49
CA SER B 159 -3.69 6.06 -3.80
C SER B 159 -4.65 5.38 -4.76
N ALA B 160 -5.21 4.23 -4.36
CA ALA B 160 -6.28 3.51 -5.08
C ALA B 160 -7.60 4.29 -5.01
N GLU B 161 -7.71 5.27 -4.12
CA GLU B 161 -8.90 6.16 -4.03
C GLU B 161 -8.81 7.23 -5.14
N THR B 162 -7.61 7.57 -5.60
CA THR B 162 -7.38 8.62 -6.63
C THR B 162 -7.31 7.96 -8.00
N PHE B 163 -6.48 6.91 -8.11
CA PHE B 163 -6.12 6.24 -9.38
C PHE B 163 -6.91 4.93 -9.52
N SER B 164 -7.57 4.77 -10.67
CA SER B 164 -8.39 3.57 -10.97
C SER B 164 -7.48 2.38 -11.28
N GLN B 165 -6.23 2.61 -11.70
CA GLN B 165 -5.14 1.61 -11.85
C GLN B 165 -3.89 2.23 -11.24
N THR B 166 -3.10 1.44 -10.50
CA THR B 166 -1.93 1.93 -9.71
C THR B 166 -0.65 1.17 -10.10
N ILE B 167 -0.69 0.32 -11.12
CA ILE B 167 0.47 -0.53 -11.53
C ILE B 167 1.33 0.24 -12.54
N PHE B 168 2.59 0.51 -12.19
CA PHE B 168 3.53 1.24 -13.07
C PHE B 168 3.98 0.32 -14.22
N ASN B 169 4.11 0.94 -15.39
CA ASN B 169 4.59 0.33 -16.65
C ASN B 169 6.07 0.71 -16.80
N VAL B 170 6.97 -0.28 -16.73
CA VAL B 170 8.45 -0.05 -16.75
C VAL B 170 8.84 0.62 -18.08
N GLU B 171 8.11 0.37 -19.18
CA GLU B 171 8.44 0.93 -20.51
C GLU B 171 8.15 2.43 -20.52
N ILE B 172 7.06 2.86 -19.89
CA ILE B 172 6.69 4.31 -19.81
C ILE B 172 7.74 5.03 -18.97
N LEU B 173 8.17 4.44 -17.85
CA LEU B 173 9.24 5.03 -17.01
C LEU B 173 10.57 5.05 -17.79
N ALA B 174 10.93 3.94 -18.45
CA ALA B 174 12.20 3.79 -19.19
C ALA B 174 12.29 4.90 -20.27
N ARG B 175 11.21 5.12 -21.01
CA ARG B 175 11.19 6.12 -22.09
C ARG B 175 11.52 7.51 -21.54
N ARG B 176 10.89 7.91 -20.42
N ARG B 176 10.89 7.89 -20.42
CA ARG B 176 11.12 9.25 -19.80
CA ARG B 176 11.11 9.23 -19.81
C ARG B 176 12.56 9.32 -19.28
C ARG B 176 12.55 9.31 -19.27
N LEU B 177 13.06 8.26 -18.64
CA LEU B 177 14.42 8.28 -18.05
C LEU B 177 15.46 8.37 -19.18
N ARG B 178 15.24 7.67 -20.29
CA ARG B 178 16.14 7.73 -21.46
C ARG B 178 16.19 9.18 -21.97
N GLU B 179 15.07 9.87 -22.04
CA GLU B 179 14.97 11.28 -22.51
C GLU B 179 15.79 12.16 -21.57
N LEU B 180 15.61 11.97 -20.26
CA LEU B 180 16.31 12.79 -19.25
C LEU B 180 17.82 12.53 -19.31
N SER B 181 18.25 11.28 -19.54
CA SER B 181 19.67 10.91 -19.69
C SER B 181 20.26 11.63 -20.91
N PHE B 182 19.51 11.65 -22.00
CA PHE B 182 19.91 12.31 -23.27
C PHE B 182 20.08 13.81 -23.03
N LEU B 183 19.10 14.42 -22.36
CA LEU B 183 19.05 15.89 -22.12
C LEU B 183 20.02 16.29 -21.01
N ASN B 184 20.46 15.35 -20.15
CA ASN B 184 21.33 15.65 -18.98
C ASN B 184 22.49 14.67 -18.96
N ALA B 185 23.48 14.89 -19.85
CA ALA B 185 24.57 13.94 -20.16
C ALA B 185 25.39 13.53 -18.93
N GLY B 186 25.55 14.40 -17.93
CA GLY B 186 26.43 14.15 -16.76
C GLY B 186 25.76 13.33 -15.64
N VAL B 187 24.49 12.98 -15.76
CA VAL B 187 23.67 12.34 -14.68
C VAL B 187 23.52 10.85 -15.00
N ARG B 188 23.99 9.99 -14.08
CA ARG B 188 23.80 8.53 -14.12
C ARG B 188 22.40 8.24 -13.60
N ILE B 189 21.50 7.70 -14.44
CA ILE B 189 20.12 7.35 -14.03
C ILE B 189 19.98 5.84 -14.12
N VAL B 190 19.66 5.21 -12.98
CA VAL B 190 19.50 3.74 -12.88
C VAL B 190 18.00 3.47 -12.74
N LEU B 191 17.46 2.58 -13.57
CA LEU B 191 16.07 2.08 -13.48
C LEU B 191 16.12 0.63 -13.02
N ARG B 192 15.46 0.33 -11.91
CA ARG B 192 15.28 -1.06 -11.43
C ARG B 192 13.79 -1.38 -11.42
N ASP B 193 13.44 -2.55 -11.94
CA ASP B 193 12.09 -3.15 -11.79
C ASP B 193 12.28 -4.48 -11.07
N GLU B 194 12.00 -4.51 -9.76
CA GLU B 194 12.17 -5.70 -8.91
C GLU B 194 11.24 -6.82 -9.40
N ARG B 195 10.12 -6.48 -10.03
CA ARG B 195 9.07 -7.47 -10.39
C ARG B 195 9.60 -8.41 -11.47
N ILE B 196 10.55 -7.93 -12.29
CA ILE B 196 11.14 -8.74 -13.41
C ILE B 196 12.67 -8.80 -13.29
N ASN B 197 13.21 -8.39 -12.14
N ASN B 197 13.21 -8.41 -12.14
CA ASN B 197 14.67 -8.35 -11.84
CA ASN B 197 14.68 -8.38 -11.87
C ASN B 197 15.42 -7.68 -13.00
C ASN B 197 15.40 -7.70 -13.04
N LEU B 198 14.92 -6.52 -13.45
CA LEU B 198 15.55 -5.68 -14.51
C LEU B 198 16.35 -4.56 -13.82
N GLU B 199 17.56 -4.30 -14.30
CA GLU B 199 18.29 -3.04 -14.02
C GLU B 199 18.82 -2.50 -15.35
N HIS B 200 18.49 -1.25 -15.69
CA HIS B 200 19.06 -0.52 -16.85
C HIS B 200 19.75 0.76 -16.35
N VAL B 201 20.96 1.02 -16.83
CA VAL B 201 21.74 2.26 -16.54
C VAL B 201 21.72 3.15 -17.78
N TYR B 202 21.21 4.36 -17.62
CA TYR B 202 21.19 5.46 -18.61
C TYR B 202 22.23 6.50 -18.18
N ASP B 203 23.33 6.58 -18.92
CA ASP B 203 24.47 7.45 -18.60
C ASP B 203 25.10 7.87 -19.93
N TYR B 204 24.75 9.08 -20.39
CA TYR B 204 25.15 9.62 -21.72
C TYR B 204 26.44 10.42 -21.56
C4 80S C . -13.13 -19.19 4.44
C14 80S C . -22.07 -18.76 4.48
C5 80S C . -15.07 -20.56 3.85
C6 80S C . -16.66 -21.91 3.21
C11 80S C . -19.39 -18.46 3.86
C7 80S C . -17.95 -22.39 2.91
C8 80S C . -19.42 -20.51 2.40
C9 80S C . -20.29 -21.08 1.29
C10 80S C . -20.10 -19.52 3.31
C12 80S C . -20.01 -17.56 4.70
C13 80S C . -21.35 -17.71 5.02
N1 80S C . -11.36 -17.55 4.94
N2 80S C . -14.48 -19.39 4.35
C3 80S C . -12.67 -17.79 4.59
N3 80S C . -16.36 -20.67 3.77
C1 80S C . -9.81 -15.64 5.37
C2 80S C . -11.14 -16.23 5.01
O1 80S C . -12.32 -20.11 4.38
O2 80S C . -19.05 -21.62 3.23
C15 80S C . -21.45 -19.66 3.63
C16 80S C . -18.11 -23.64 2.36
C17 80S C . -17.01 -24.44 2.06
C18 80S C . -17.18 -25.80 1.44
O3 80S C . -16.17 -26.38 1.00
O4 80S C . -18.34 -26.28 1.44
C19 80S C . -15.72 -23.98 2.33
C20 80S C . -15.56 -22.73 2.90
S1 80S C . -14.09 -21.91 3.36
C21 80S C . -13.29 -16.54 4.45
CL1 80S C . -14.91 -16.19 4.05
C22 80S C . -12.30 -15.58 4.72
CL2 80S C . -12.51 -13.89 4.69
C2 81N D . -11.06 -16.27 5.14
C3 81N D . -12.60 -17.81 4.65
C5 81N D . -15.03 -20.50 3.88
C8 81N D . -20.01 -20.96 2.61
C9 81N D . -19.43 -20.99 1.22
C10 81N D . -20.49 -19.60 3.05
C11 81N D . -19.58 -18.66 3.53
C14 81N D . -22.26 -18.00 3.38
C16 81N D . -18.22 -23.44 2.45
C17 81N D . -17.15 -24.26 2.05
C21 81N D . -13.17 -16.56 4.45
C19 81N D . -15.84 -23.84 2.28
C18 81N D . -17.40 -25.57 1.37
C1 81N D . -9.75 -15.71 5.58
C13 81N D . -21.35 -17.08 3.86
C7 81N D . -17.99 -22.23 3.08
O4 81N D . -18.58 -25.97 1.31
N1 81N D . -11.31 -17.60 5.08
C4 81N D . -13.10 -19.19 4.49
O1 81N D . -12.33 -20.15 4.57
N2 81N D . -14.43 -19.32 4.24
N3 81N D . -16.33 -20.63 3.94
C6 81N D . -16.69 -21.82 3.33
O2 81N D . -18.97 -21.38 3.51
C12 81N D . -20.01 -17.40 3.93
C15 81N D . -21.83 -19.26 2.99
O3 81N D . -16.41 -26.20 0.94
C20 81N D . -15.62 -22.64 2.92
S1 81N D . -14.11 -21.88 3.35
CL1 81N D . -14.77 -16.20 3.93
C22 81N D . -12.20 -15.62 4.76
CL2 81N D . -12.37 -13.91 4.70
C4 80S E . 15.55 17.83 -3.23
C14 80S E . 11.11 23.82 -2.68
C5 80S E . 15.86 19.95 -2.08
C6 80S E . 16.37 21.82 -1.02
C11 80S E . 12.40 25.40 -0.83
C7 80S E . 16.27 23.14 -0.51
C8 80S E . 13.89 23.50 -0.12
C9 80S E . 13.92 24.02 1.31
C10 80S E . 12.78 24.07 -0.97
C12 80S E . 11.39 25.92 -1.61
C13 80S E . 10.75 25.14 -2.54
N1 80S E . 14.96 15.59 -4.07
N2 80S E . 15.11 19.07 -2.88
C3 80S E . 14.54 16.82 -3.61
N3 80S E . 15.40 21.13 -1.74
C1 80S E . 14.03 13.41 -4.84
C2 80S E . 13.90 14.80 -4.33
O1 80S E . 16.75 17.53 -3.21
O2 80S E . 15.13 23.89 -0.72
C15 80S E . 12.12 23.28 -1.91
C16 80S E . 17.33 23.71 0.19
C17 80S E . 18.51 22.99 0.43
C18 80S E . 19.68 23.59 1.17
O3 80S E . 20.62 22.82 1.47
O4 80S E . 19.65 24.83 1.42
C19 80S E . 18.62 21.68 -0.07
C20 80S E . 17.56 21.12 -0.79
S1 80S E . 17.46 19.53 -1.49
C21 80S E . 13.15 16.78 -3.60
CL1 80S E . 12.06 18.01 -3.14
C22 80S E . 12.77 15.52 -4.05
CL2 80S E . 11.16 14.96 -4.25
C2 81N F . 13.90 14.56 -4.41
C3 81N F . 14.64 16.53 -3.63
C5 81N F . 15.88 19.71 -2.25
C8 81N F . 14.01 24.24 -0.18
C9 81N F . 13.86 23.37 1.04
C10 81N F . 12.70 24.67 -0.81
C11 81N F . 12.13 25.88 -0.47
C14 81N F . 10.87 24.26 -2.32
C16 81N F . 16.91 23.61 -0.05
C17 81N F . 18.12 23.00 0.27
C21 81N F . 13.25 16.55 -3.63
C19 81N F . 18.39 21.69 -0.17
C18 81N F . 19.18 23.71 1.07
C1 81N F . 13.95 13.18 -4.97
C13 81N F . 10.31 25.46 -1.98
C7 81N F . 15.96 22.94 -0.80
O4 81N F . 18.91 24.86 1.47
N1 81N F . 15.01 15.29 -4.13
C4 81N F . 15.65 17.51 -3.24
O1 81N F . 16.84 17.20 -3.10
N2 81N F . 15.19 18.77 -3.02
N3 81N F . 15.32 20.86 -1.99
C6 81N F . 16.20 21.63 -1.24
O2 81N F . 14.74 23.46 -1.15
C12 81N F . 10.93 26.27 -1.05
C15 81N F . 12.07 23.86 -1.74
O3 81N F . 20.26 23.13 1.28
C20 81N F . 17.42 21.02 -0.92
S1 81N F . 17.47 19.40 -1.58
CL1 81N F . 12.23 17.83 -3.12
C22 81N F . 12.81 15.33 -4.11
CL2 81N F . 11.18 14.85 -4.31
#